data_1X11
#
_entry.id   1X11
#
_cell.length_a   74.600
_cell.length_b   74.600
_cell.length_c   155.400
_cell.angle_alpha   90.00
_cell.angle_beta   90.00
_cell.angle_gamma   90.00
#
_symmetry.space_group_name_H-M   'P 41 21 2'
#
loop_
_entity.id
_entity.type
_entity.pdbx_description
1 polymer X11
2 polymer '13-MER PEPTIDE'
3 water water
#
loop_
_entity_poly.entity_id
_entity_poly.type
_entity_poly.pdbx_seq_one_letter_code
_entity_poly.pdbx_strand_id
1 'polypeptide(L)'
;(MSE)EDLIDGIIFAANYLGSTQLLSDKTPSKNVR(MSE)(MSE)QAQEAVSRIK(MSE)AQKLAKSRKKAPEGESQP
(MSE)TEVDLFILTQRIKVLNADTQET(MSE)(MSE)DHPLRTISYIADIGNIVVL(MSE)ARRRIPRSNSQENVEASHP
SQDGKRQYK(MSE)ICHVFESEDAQLIAQSIGQAFSVAYQEFLRANGINP
;
A,B
2 'polypeptide(L)' QNGYENPTYKFFE C,D
#
# COMPACT_ATOMS: atom_id res chain seq x y z
N MSE A 1 14.43 32.54 5.39
CA MSE A 1 14.57 31.06 5.18
C MSE A 1 13.63 30.34 6.12
O MSE A 1 13.66 30.58 7.35
CB MSE A 1 16.00 30.61 5.48
CG MSE A 1 16.31 29.21 5.04
SE MSE A 1 17.97 28.66 5.45
CE MSE A 1 18.93 29.38 4.17
H1 MSE A 1 14.55 32.71 6.41
H2 MSE A 1 13.48 32.80 5.09
H3 MSE A 1 15.16 33.03 4.84
N GLU A 2 12.80 29.46 5.58
CA GLU A 2 11.87 28.66 6.35
C GLU A 2 12.40 27.26 6.56
N ASP A 3 12.21 26.72 7.77
CA ASP A 3 12.67 25.37 8.11
C ASP A 3 11.51 24.54 8.62
N LEU A 4 11.81 23.38 9.23
CA LEU A 4 10.78 22.47 9.75
C LEU A 4 10.07 23.03 10.98
N ILE A 5 10.73 23.96 11.66
CA ILE A 5 10.21 24.62 12.85
C ILE A 5 9.22 25.69 12.39
N ASP A 6 9.55 26.32 11.26
CA ASP A 6 8.73 27.38 10.67
C ASP A 6 7.58 26.78 9.86
N GLY A 7 7.93 25.79 9.06
CA GLY A 7 6.98 25.14 8.20
C GLY A 7 7.54 25.35 6.81
N ILE A 8 7.45 24.29 6.00
CA ILE A 8 7.94 24.28 4.61
C ILE A 8 6.80 23.76 3.73
N ILE A 9 6.82 24.05 2.45
CA ILE A 9 5.75 23.60 1.60
C ILE A 9 6.23 22.73 0.44
N PHE A 10 5.29 22.01 -0.16
CA PHE A 10 5.51 21.12 -1.32
C PHE A 10 4.19 21.13 -2.07
N ALA A 11 4.28 20.99 -3.39
CA ALA A 11 3.09 20.97 -4.26
C ALA A 11 2.53 19.55 -4.35
N ALA A 12 1.22 19.44 -4.18
CA ALA A 12 0.55 18.15 -4.25
C ALA A 12 -0.80 18.32 -4.90
N ASN A 13 -1.37 17.21 -5.36
CA ASN A 13 -2.70 17.21 -5.96
C ASN A 13 -3.53 16.34 -5.01
N TYR A 14 -4.54 16.95 -4.42
CA TYR A 14 -5.40 16.24 -3.49
C TYR A 14 -6.33 15.30 -4.27
N LEU A 15 -6.25 14.00 -3.97
CA LEU A 15 -7.08 13.00 -4.65
C LEU A 15 -8.40 12.80 -3.92
N GLY A 16 -8.31 12.57 -2.61
CA GLY A 16 -9.50 12.36 -1.81
C GLY A 16 -9.20 11.61 -0.53
N SER A 17 -10.05 11.78 0.47
CA SER A 17 -9.86 11.10 1.75
C SER A 17 -10.74 9.86 1.85
N THR A 18 -10.40 9.00 2.80
CA THR A 18 -11.11 7.74 3.03
C THR A 18 -11.11 7.51 4.55
N GLN A 19 -11.75 6.45 5.03
CA GLN A 19 -11.75 6.15 6.45
C GLN A 19 -11.74 4.65 6.65
N LEU A 20 -11.09 4.19 7.72
CA LEU A 20 -11.02 2.75 8.02
C LEU A 20 -10.85 2.56 9.51
N LEU A 21 -10.82 1.30 9.95
CA LEU A 21 -10.61 0.99 11.37
C LEU A 21 -9.22 0.39 11.49
N SER A 22 -8.58 0.61 12.63
CA SER A 22 -7.25 0.10 12.89
C SER A 22 -7.20 -0.24 14.36
N ASP A 23 -6.20 -1.01 14.76
CA ASP A 23 -6.04 -1.32 16.18
C ASP A 23 -5.32 -0.15 16.83
N LYS A 24 -4.98 -0.31 18.09
CA LYS A 24 -4.27 0.71 18.85
C LYS A 24 -2.98 1.11 18.10
N THR A 25 -2.10 0.15 17.89
CA THR A 25 -0.88 0.43 17.18
C THR A 25 -0.54 -0.81 16.34
N PRO A 26 -1.12 -0.91 15.13
CA PRO A 26 -0.91 -2.03 14.20
C PRO A 26 0.53 -2.04 13.70
N SER A 27 0.94 -3.15 13.08
CA SER A 27 2.30 -3.23 12.59
C SER A 27 2.50 -2.36 11.35
N LYS A 28 3.76 -2.09 11.03
CA LYS A 28 4.16 -1.30 9.86
C LYS A 28 3.58 -1.91 8.58
N ASN A 29 3.48 -3.24 8.56
CA ASN A 29 2.97 -3.97 7.43
C ASN A 29 1.48 -3.71 7.23
N VAL A 30 0.74 -3.78 8.33
CA VAL A 30 -0.71 -3.52 8.31
C VAL A 30 -0.91 -2.03 8.02
N ARG A 31 0.01 -1.21 8.51
CA ARG A 31 -0.02 0.24 8.28
C ARG A 31 0.12 0.44 6.78
N MSE A 32 1.10 -0.20 6.19
CA MSE A 32 1.28 -0.08 4.75
C MSE A 32 0.09 -0.71 4.01
O MSE A 32 -0.33 -0.18 2.97
CB MSE A 32 2.59 -0.70 4.30
CG MSE A 32 2.89 -0.44 2.81
SE MSE A 32 2.94 1.32 2.33
CE MSE A 32 4.33 1.88 3.38
H MSE A 32 1.72 -0.77 6.69
N MSE A 33 -0.49 -1.78 4.55
CA MSE A 33 -1.67 -2.40 3.91
C MSE A 33 -2.86 -1.45 3.95
O MSE A 33 -3.63 -1.40 3.00
CB MSE A 33 -2.04 -3.71 4.60
CG MSE A 33 -1.40 -4.96 4.04
SE MSE A 33 -2.29 -6.45 4.58
CE MSE A 33 -3.35 -6.73 3.12
H MSE A 33 -0.14 -2.15 5.38
N GLN A 34 -2.98 -0.69 5.04
CA GLN A 34 -4.04 0.31 5.26
C GLN A 34 -3.91 1.49 4.30
N ALA A 35 -2.67 1.95 4.14
CA ALA A 35 -2.34 3.05 3.25
C ALA A 35 -2.68 2.57 1.83
N GLN A 36 -2.26 1.35 1.53
CA GLN A 36 -2.49 0.71 0.22
C GLN A 36 -3.98 0.61 -0.07
N GLU A 37 -4.73 0.19 0.94
CA GLU A 37 -6.17 0.06 0.86
C GLU A 37 -6.78 1.42 0.57
N ALA A 38 -6.19 2.47 1.15
CA ALA A 38 -6.62 3.85 0.96
C ALA A 38 -6.52 4.23 -0.50
N VAL A 39 -5.34 4.03 -1.07
CA VAL A 39 -5.13 4.37 -2.47
C VAL A 39 -6.17 3.64 -3.33
N SER A 40 -6.28 2.34 -3.11
CA SER A 40 -7.23 1.51 -3.85
C SER A 40 -8.63 2.13 -3.85
N ARG A 41 -9.11 2.50 -2.67
CA ARG A 41 -10.43 3.09 -2.54
C ARG A 41 -10.49 4.36 -3.36
N ILE A 42 -9.39 5.09 -3.37
CA ILE A 42 -9.35 6.34 -4.12
C ILE A 42 -9.40 6.07 -5.63
N LYS A 43 -8.53 5.21 -6.12
CA LYS A 43 -8.47 4.91 -7.56
C LYS A 43 -9.82 4.44 -8.09
N MSE A 44 -10.32 3.36 -7.50
CA MSE A 44 -11.59 2.76 -7.89
C MSE A 44 -12.69 3.62 -7.30
O MSE A 44 -13.51 3.16 -6.51
CB MSE A 44 -11.70 1.32 -7.37
CG MSE A 44 -10.57 0.35 -7.79
SE MSE A 44 -10.73 -0.46 -9.45
CE MSE A 44 -11.59 -1.99 -9.00
H MSE A 44 -9.86 2.95 -6.73
N ALA A 45 -12.69 4.89 -7.68
CA ALA A 45 -13.66 5.89 -7.24
C ALA A 45 -13.52 7.10 -8.15
N GLN A 46 -12.42 7.13 -8.91
CA GLN A 46 -12.13 8.19 -9.85
C GLN A 46 -12.63 7.76 -11.22
N MSE A 63 -7.15 15.72 -7.70
CA MSE A 63 -7.80 16.66 -8.64
C MSE A 63 -7.48 18.10 -8.28
O MSE A 63 -6.98 18.86 -9.11
CB MSE A 63 -9.31 16.41 -8.67
CG MSE A 63 -9.70 15.04 -9.23
SE MSE A 63 -11.41 14.99 -9.88
CE MSE A 63 -12.18 13.80 -8.75
H MSE A 63 -7.50 15.90 -6.74
N THR A 64 -7.75 18.47 -7.03
CA THR A 64 -7.46 19.81 -6.53
C THR A 64 -5.95 19.98 -6.31
N GLU A 65 -5.37 21.05 -6.86
CA GLU A 65 -3.94 21.34 -6.69
C GLU A 65 -3.81 22.06 -5.34
N VAL A 66 -2.92 21.56 -4.48
CA VAL A 66 -2.72 22.13 -3.15
C VAL A 66 -1.27 22.22 -2.75
N ASP A 67 -1.01 22.97 -1.68
CA ASP A 67 0.33 23.15 -1.11
C ASP A 67 0.27 22.50 0.27
N LEU A 68 1.10 21.48 0.47
CA LEU A 68 1.11 20.83 1.77
C LEU A 68 2.03 21.65 2.64
N PHE A 69 1.57 21.97 3.84
CA PHE A 69 2.34 22.75 4.79
C PHE A 69 2.69 21.81 5.93
N ILE A 70 3.96 21.43 6.01
CA ILE A 70 4.44 20.53 7.05
C ILE A 70 5.21 21.30 8.12
N LEU A 71 4.93 20.97 9.37
CA LEU A 71 5.56 21.62 10.49
C LEU A 71 5.80 20.62 11.60
N THR A 72 6.66 20.99 12.53
CA THR A 72 6.94 20.10 13.65
C THR A 72 5.72 20.10 14.54
N GLN A 73 4.66 20.79 14.14
CA GLN A 73 3.45 20.80 14.94
C GLN A 73 2.12 20.87 14.20
N ARG A 74 2.15 20.99 12.88
CA ARG A 74 0.91 21.05 12.09
C ARG A 74 1.10 20.53 10.68
N ILE A 75 0.02 19.99 10.12
CA ILE A 75 0.02 19.55 8.73
C ILE A 75 -1.22 20.22 8.12
N LYS A 76 -0.98 21.20 7.27
CA LYS A 76 -2.06 21.94 6.62
C LYS A 76 -2.08 21.69 5.13
N VAL A 77 -3.28 21.66 4.57
CA VAL A 77 -3.47 21.47 3.14
C VAL A 77 -4.08 22.77 2.62
N LEU A 78 -3.30 23.51 1.82
CA LEU A 78 -3.76 24.78 1.28
C LEU A 78 -4.20 24.68 -0.16
N ASN A 79 -5.21 25.48 -0.51
CA ASN A 79 -5.69 25.49 -1.88
C ASN A 79 -4.70 26.33 -2.67
N ALA A 80 -3.74 25.67 -3.32
CA ALA A 80 -2.67 26.29 -4.12
C ALA A 80 -3.02 27.62 -4.77
N ASP A 81 -4.18 27.62 -5.43
CA ASP A 81 -4.70 28.78 -6.15
C ASP A 81 -5.16 29.92 -5.22
N THR A 82 -5.78 29.56 -4.11
CA THR A 82 -6.35 30.52 -3.17
C THR A 82 -5.73 30.57 -1.77
N GLN A 83 -4.74 29.71 -1.50
CA GLN A 83 -4.08 29.61 -0.19
C GLN A 83 -4.99 29.50 1.05
N GLU A 84 -6.26 29.21 0.83
CA GLU A 84 -7.23 29.03 1.90
C GLU A 84 -7.11 27.59 2.43
N THR A 85 -7.02 27.46 3.75
CA THR A 85 -6.88 26.17 4.40
C THR A 85 -8.07 25.22 4.21
N MSE A 86 -7.77 24.12 3.55
CA MSE A 86 -8.69 23.05 3.26
C MSE A 86 -8.63 22.02 4.39
O MSE A 86 -9.60 21.30 4.64
CB MSE A 86 -8.30 22.40 1.97
CG MSE A 86 -8.28 23.35 0.83
SE MSE A 86 -7.72 22.54 -0.66
CE MSE A 86 -8.31 20.77 -0.35
H MSE A 86 -6.85 24.02 3.21
N MSE A 87 -7.48 21.93 5.04
CA MSE A 87 -7.29 20.99 6.15
C MSE A 87 -6.16 21.51 7.04
O MSE A 87 -5.15 22.00 6.55
CB MSE A 87 -6.89 19.61 5.59
CG MSE A 87 -8.06 18.70 5.23
SE MSE A 87 -7.75 17.77 3.71
CE MSE A 87 -6.34 16.79 4.16
H MSE A 87 -6.73 22.52 4.81
N ASP A 88 -6.33 21.35 8.35
CA ASP A 88 -5.35 21.80 9.33
C ASP A 88 -5.35 20.76 10.45
N HIS A 89 -4.34 19.90 10.46
CA HIS A 89 -4.25 18.84 11.46
C HIS A 89 -3.07 18.97 12.43
N PRO A 90 -3.37 18.96 13.76
CA PRO A 90 -2.32 19.05 14.79
C PRO A 90 -1.48 17.79 14.64
N LEU A 91 -0.17 17.94 14.59
CA LEU A 91 0.71 16.82 14.38
C LEU A 91 0.48 15.58 15.24
N ARG A 92 -0.05 15.76 16.45
CA ARG A 92 -0.31 14.66 17.38
C ARG A 92 -1.51 13.82 16.95
N THR A 93 -2.36 14.40 16.10
CA THR A 93 -3.53 13.69 15.59
C THR A 93 -3.24 12.71 14.43
N ILE A 94 -2.09 12.88 13.76
CA ILE A 94 -1.68 12.02 12.64
C ILE A 94 -0.91 10.85 13.19
N SER A 95 -1.30 9.63 12.80
CA SER A 95 -0.63 8.42 13.30
C SER A 95 0.40 7.85 12.37
N TYR A 96 0.13 7.98 11.08
CA TYR A 96 0.98 7.42 10.05
C TYR A 96 0.96 8.27 8.80
N ILE A 97 2.03 8.16 8.04
CA ILE A 97 2.20 8.84 6.76
C ILE A 97 2.97 7.81 5.92
N ALA A 98 2.71 7.77 4.63
CA ALA A 98 3.41 6.81 3.77
C ALA A 98 3.49 7.29 2.34
N ASP A 99 4.55 6.85 1.65
CA ASP A 99 4.73 7.19 0.24
C ASP A 99 4.74 5.92 -0.57
N ILE A 100 3.84 5.89 -1.54
CA ILE A 100 3.74 4.76 -2.45
C ILE A 100 3.95 5.33 -3.84
N GLY A 101 5.22 5.41 -4.22
CA GLY A 101 5.60 5.97 -5.48
C GLY A 101 5.31 7.45 -5.43
N ASN A 102 4.52 7.89 -6.40
CA ASN A 102 4.11 9.28 -6.58
C ASN A 102 2.97 9.63 -5.62
N ILE A 103 2.62 8.68 -4.75
CA ILE A 103 1.51 8.86 -3.84
C ILE A 103 1.90 9.11 -2.37
N VAL A 104 1.08 9.91 -1.70
CA VAL A 104 1.26 10.27 -0.31
C VAL A 104 -0.02 9.93 0.47
N VAL A 105 0.12 9.24 1.59
CA VAL A 105 -1.05 8.94 2.42
C VAL A 105 -0.87 9.42 3.86
N LEU A 106 -1.70 10.40 4.21
CA LEU A 106 -1.70 11.03 5.53
C LEU A 106 -2.84 10.38 6.32
N MSE A 107 -2.49 9.72 7.42
CA MSE A 107 -3.48 9.03 8.24
C MSE A 107 -3.75 9.70 9.60
O MSE A 107 -2.91 9.63 10.48
CB MSE A 107 -3.03 7.59 8.45
CG MSE A 107 -4.14 6.58 8.65
SE MSE A 107 -3.52 4.89 8.76
CE MSE A 107 -3.01 4.60 7.11
H MSE A 107 -1.56 9.68 7.70
N ALA A 108 -4.93 10.33 9.73
CA ALA A 108 -5.34 11.04 10.97
C ALA A 108 -6.33 10.22 11.82
N ARG A 109 -6.33 10.47 13.12
CA ARG A 109 -7.21 9.75 14.04
C ARG A 109 -8.63 10.30 14.07
N ASP A 129 -0.78 -1.46 25.16
CA ASP A 129 0.28 -0.47 24.83
C ASP A 129 -0.16 0.37 23.64
N GLY A 130 -0.18 1.68 23.82
CA GLY A 130 -0.59 2.56 22.75
C GLY A 130 -2.05 2.95 22.91
N LYS A 131 -2.46 3.97 22.17
CA LYS A 131 -3.83 4.49 22.22
C LYS A 131 -4.83 3.45 21.72
N ARG A 132 -5.79 3.09 22.56
CA ARG A 132 -6.80 2.11 22.20
C ARG A 132 -7.95 2.80 21.43
N GLN A 133 -7.69 3.14 20.18
CA GLN A 133 -8.69 3.80 19.34
C GLN A 133 -8.75 3.05 18.02
N TYR A 134 -9.83 3.25 17.25
CA TYR A 134 -9.99 2.52 15.99
C TYR A 134 -10.20 3.24 14.66
N LYS A 135 -11.20 4.10 14.55
CA LYS A 135 -11.48 4.79 13.28
C LYS A 135 -10.48 5.86 12.82
N MSE A 136 -9.94 5.68 11.61
CA MSE A 136 -8.95 6.55 11.01
C MSE A 136 -9.48 7.24 9.77
O MSE A 136 -10.31 6.69 9.04
CB MSE A 136 -7.68 5.77 10.61
CG MSE A 136 -6.89 5.11 11.74
SE MSE A 136 -6.16 6.25 12.96
CE MSE A 136 -6.89 5.54 14.48
H MSE A 136 -10.22 4.91 11.11
N ILE A 137 -8.93 8.43 9.49
CA ILE A 137 -9.26 9.25 8.31
C ILE A 137 -8.00 9.38 7.44
N CYS A 138 -8.01 8.77 6.27
CA CYS A 138 -6.87 8.79 5.39
C CYS A 138 -7.01 9.82 4.26
N HIS A 139 -5.97 10.62 4.06
CA HIS A 139 -5.96 11.66 3.00
C HIS A 139 -4.93 11.24 1.97
N VAL A 140 -5.36 11.12 0.71
CA VAL A 140 -4.45 10.70 -0.33
C VAL A 140 -4.11 11.87 -1.28
N PHE A 141 -2.82 12.04 -1.54
CA PHE A 141 -2.32 13.09 -2.41
C PHE A 141 -1.45 12.47 -3.47
N GLU A 142 -1.24 13.19 -4.55
CA GLU A 142 -0.40 12.73 -5.65
C GLU A 142 0.65 13.82 -5.74
N SER A 143 1.92 13.42 -5.75
CA SER A 143 3.05 14.36 -5.82
C SER A 143 4.39 13.74 -6.24
N GLU A 144 5.14 14.45 -7.07
CA GLU A 144 6.47 14.00 -7.51
C GLU A 144 7.34 14.09 -6.27
N ASP A 145 6.90 14.88 -5.31
CA ASP A 145 7.62 15.07 -4.06
C ASP A 145 7.17 14.19 -2.90
N ALA A 146 6.54 13.06 -3.23
CA ALA A 146 6.04 12.10 -2.24
C ALA A 146 7.09 11.66 -1.23
N GLN A 147 8.27 11.35 -1.75
CA GLN A 147 9.39 10.90 -0.93
C GLN A 147 9.82 11.99 0.05
N LEU A 148 9.97 13.23 -0.43
CA LEU A 148 10.39 14.34 0.40
C LEU A 148 9.36 14.76 1.45
N ILE A 149 8.09 14.81 1.05
CA ILE A 149 6.97 15.15 1.95
C ILE A 149 6.95 14.16 3.13
N ALA A 150 6.98 12.87 2.80
CA ALA A 150 6.95 11.84 3.83
C ALA A 150 8.22 11.89 4.67
N GLN A 151 9.35 12.15 4.04
CA GLN A 151 10.61 12.28 4.77
C GLN A 151 10.42 13.34 5.84
N SER A 152 10.02 14.54 5.37
CA SER A 152 9.81 15.74 6.20
C SER A 152 8.84 15.61 7.36
N ILE A 153 7.68 15.04 7.07
CA ILE A 153 6.65 14.79 8.08
C ILE A 153 7.19 13.74 9.06
N GLY A 154 8.05 12.86 8.56
CA GLY A 154 8.66 11.86 9.41
C GLY A 154 9.59 12.61 10.36
N GLN A 155 10.36 13.56 9.83
CA GLN A 155 11.28 14.34 10.68
C GLN A 155 10.47 15.11 11.75
N ALA A 156 9.31 15.63 11.33
CA ALA A 156 8.40 16.36 12.22
C ALA A 156 8.09 15.46 13.41
N PHE A 157 7.62 14.25 13.11
CA PHE A 157 7.28 13.25 14.13
C PHE A 157 8.46 13.11 15.07
N SER A 158 9.67 13.09 14.51
CA SER A 158 10.91 12.96 15.29
C SER A 158 11.14 14.04 16.32
N VAL A 159 11.13 15.30 15.89
CA VAL A 159 11.40 16.39 16.84
C VAL A 159 10.30 16.54 17.89
N ALA A 160 9.06 16.47 17.45
CA ALA A 160 7.89 16.61 18.32
C ALA A 160 7.80 15.49 19.36
N TYR A 161 8.31 14.33 19.01
CA TYR A 161 8.32 13.18 19.92
C TYR A 161 9.45 13.32 20.96
N GLN A 162 10.63 13.74 20.51
CA GLN A 162 11.72 13.94 21.45
C GLN A 162 11.29 15.09 22.35
N GLU A 163 10.76 16.14 21.74
CA GLU A 163 10.26 17.29 22.49
C GLU A 163 9.26 16.78 23.56
N PHE A 164 8.41 15.83 23.18
CA PHE A 164 7.41 15.26 24.07
C PHE A 164 8.01 14.60 25.31
N LEU A 165 8.96 13.70 25.09
CA LEU A 165 9.60 13.01 26.20
C LEU A 165 10.34 14.01 27.05
N ARG A 166 11.21 14.77 26.37
CA ARG A 166 12.05 15.81 26.97
C ARG A 166 11.30 16.82 27.83
N ALA A 167 10.10 17.18 27.39
CA ALA A 167 9.27 18.13 28.10
C ALA A 167 8.81 17.62 29.46
N ASN A 168 7.87 16.68 29.45
CA ASN A 168 7.31 16.11 30.69
C ASN A 168 8.05 14.88 31.21
N GLY A 169 9.33 15.01 31.48
CA GLY A 169 10.08 13.89 32.00
C GLY A 169 10.30 12.83 30.94
N ILE A 170 9.31 11.98 30.71
CA ILE A 170 9.40 10.91 29.72
C ILE A 170 8.06 10.19 29.55
N GLN B 1 8.15 2.81 -1.46
CA GLN B 1 7.21 2.19 -0.49
C GLN B 1 7.77 2.33 0.94
N ASN B 2 7.49 3.46 1.57
CA ASN B 2 7.97 3.73 2.92
C ASN B 2 6.86 4.30 3.79
N GLY B 3 6.95 4.07 5.08
CA GLY B 3 5.95 4.58 5.99
C GLY B 3 6.59 5.05 7.27
N TYR B 4 5.96 6.04 7.90
CA TYR B 4 6.46 6.60 9.15
C TYR B 4 5.31 6.67 10.14
N GLU B 5 5.53 6.08 11.32
CA GLU B 5 4.54 6.07 12.37
C GLU B 5 4.86 7.24 13.31
N ASN B 6 3.83 7.97 13.72
CA ASN B 6 4.01 9.09 14.64
C ASN B 6 4.00 8.48 16.04
N PRO B 7 5.15 8.48 16.75
CA PRO B 7 5.24 7.92 18.11
C PRO B 7 4.45 8.63 19.19
N THR B 8 4.50 9.95 19.14
CA THR B 8 3.82 10.79 20.10
C THR B 8 2.33 10.49 20.07
N TYR B 9 1.81 10.20 18.87
CA TYR B 9 0.41 9.89 18.65
C TYR B 9 -0.07 8.82 19.63
N LYS B 10 0.73 7.76 19.73
CA LYS B 10 0.51 6.63 20.62
C LYS B 10 -0.02 7.03 22.00
N PHE B 11 0.48 8.15 22.53
CA PHE B 11 0.09 8.62 23.86
C PHE B 11 -1.08 9.60 23.86
N PHE B 12 -1.88 9.61 22.79
CA PHE B 12 -3.03 10.51 22.72
C PHE B 12 -4.29 9.82 22.18
N ILE C 8 -8.72 -3.89 -0.29
CA ILE C 8 -7.74 -3.62 -1.37
C ILE C 8 -8.17 -4.33 -2.62
N ILE C 9 -8.50 -3.55 -3.65
CA ILE C 9 -8.94 -4.11 -4.92
C ILE C 9 -8.37 -3.26 -6.04
N PHE C 10 -7.72 -3.92 -6.98
CA PHE C 10 -7.13 -3.21 -8.10
C PHE C 10 -7.66 -3.80 -9.42
N ALA C 11 -7.58 -3.03 -10.49
CA ALA C 11 -8.07 -3.53 -11.77
C ALA C 11 -6.89 -3.91 -12.67
N ALA C 12 -7.03 -5.04 -13.32
CA ALA C 12 -6.02 -5.55 -14.22
C ALA C 12 -6.73 -6.24 -15.36
N ASN C 13 -5.96 -6.69 -16.35
CA ASN C 13 -6.49 -7.40 -17.49
C ASN C 13 -5.86 -8.78 -17.53
N TYR C 14 -6.69 -9.83 -17.44
CA TYR C 14 -6.20 -11.20 -17.44
C TYR C 14 -5.69 -11.61 -18.82
N LEU C 15 -4.40 -11.97 -18.92
CA LEU C 15 -3.79 -12.35 -20.19
C LEU C 15 -3.60 -13.86 -20.42
N GLY C 16 -3.77 -14.66 -19.38
CA GLY C 16 -3.59 -16.11 -19.51
C GLY C 16 -2.73 -16.69 -18.40
N SER C 17 -2.45 -17.98 -18.46
CA SER C 17 -1.64 -18.60 -17.43
C SER C 17 -0.96 -19.90 -17.86
N THR C 18 0.24 -20.10 -17.36
CA THR C 18 1.01 -21.30 -17.68
C THR C 18 1.10 -22.17 -16.43
N GLN C 19 1.64 -23.37 -16.57
CA GLN C 19 1.76 -24.25 -15.43
C GLN C 19 3.18 -24.74 -15.20
N LEU C 20 3.54 -24.77 -13.93
CA LEU C 20 4.84 -25.24 -13.48
C LEU C 20 4.60 -26.65 -12.92
N LEU C 21 5.35 -27.62 -13.41
CA LEU C 21 5.19 -29.00 -12.95
C LEU C 21 5.77 -29.13 -11.56
N VAL C 30 15.46 -18.16 -9.07
CA VAL C 30 14.68 -19.07 -9.97
C VAL C 30 13.22 -18.62 -10.23
N ARG C 31 12.48 -18.33 -9.16
CA ARG C 31 11.09 -17.84 -9.23
C ARG C 31 10.95 -16.68 -10.19
N MSE C 32 11.82 -15.69 -10.00
CA MSE C 32 11.83 -14.50 -10.84
C MSE C 32 12.01 -14.88 -12.29
O MSE C 32 11.41 -14.27 -13.17
CB MSE C 32 12.97 -13.57 -10.40
CG MSE C 32 13.14 -12.37 -11.29
SE MSE C 32 11.51 -11.77 -11.71
CE MSE C 32 11.17 -10.78 -10.30
H MSE C 32 12.44 -15.74 -9.25
N MSE C 33 12.84 -15.90 -12.53
CA MSE C 33 13.05 -16.37 -13.89
C MSE C 33 11.82 -17.12 -14.36
O MSE C 33 11.31 -16.87 -15.46
CB MSE C 33 14.31 -17.22 -13.98
CG MSE C 33 15.62 -16.39 -13.92
SE MSE C 33 16.89 -17.01 -15.06
CE MSE C 33 17.49 -18.46 -14.16
H MSE C 33 13.28 -16.36 -11.81
N GLN C 34 11.25 -17.97 -13.49
CA GLN C 34 10.04 -18.73 -13.81
C GLN C 34 8.90 -17.77 -14.11
N ALA C 35 9.02 -16.55 -13.60
CA ALA C 35 8.02 -15.52 -13.81
C ALA C 35 8.28 -14.91 -15.18
N GLN C 36 9.55 -14.65 -15.46
CA GLN C 36 9.92 -14.08 -16.75
C GLN C 36 9.42 -15.02 -17.83
N GLU C 37 9.68 -16.31 -17.64
CA GLU C 37 9.29 -17.33 -18.60
C GLU C 37 7.77 -17.45 -18.71
N ALA C 38 7.08 -17.12 -17.63
CA ALA C 38 5.62 -17.17 -17.67
C ALA C 38 5.15 -15.93 -18.46
N VAL C 39 5.85 -14.82 -18.29
CA VAL C 39 5.47 -13.61 -18.99
C VAL C 39 5.70 -13.73 -20.49
N SER C 40 6.81 -14.33 -20.90
CA SER C 40 7.09 -14.48 -22.31
C SER C 40 6.13 -15.46 -22.98
N ARG C 41 5.96 -16.64 -22.37
CA ARG C 41 5.06 -17.68 -22.88
C ARG C 41 3.71 -17.04 -23.20
N ILE C 42 3.23 -16.25 -22.26
CA ILE C 42 1.96 -15.57 -22.43
C ILE C 42 2.10 -14.67 -23.64
N LYS C 43 3.16 -13.88 -23.66
CA LYS C 43 3.36 -12.97 -24.75
C LYS C 43 3.44 -13.64 -26.13
N MSE C 44 4.03 -14.83 -26.21
CA MSE C 44 4.10 -15.49 -27.51
C MSE C 44 2.70 -15.85 -27.98
O MSE C 44 2.35 -15.59 -29.13
CB MSE C 44 4.97 -16.75 -27.43
CG MSE C 44 5.95 -16.89 -28.59
SE MSE C 44 5.17 -17.11 -30.21
CE MSE C 44 6.19 -18.44 -30.87
H MSE C 44 4.37 -15.26 -25.41
N ALA C 45 1.91 -16.43 -27.09
CA ALA C 45 0.53 -16.82 -27.42
C ALA C 45 -0.28 -15.59 -27.82
N GLN C 46 -0.16 -14.52 -27.02
CA GLN C 46 -0.85 -13.26 -27.28
C GLN C 46 -0.49 -12.77 -28.68
N LYS C 47 0.81 -12.71 -28.93
CA LYS C 47 1.36 -12.28 -30.22
C LYS C 47 0.85 -13.13 -31.39
N LEU C 48 0.51 -14.38 -31.11
CA LEU C 48 0.02 -15.27 -32.14
C LEU C 48 -1.48 -15.07 -32.38
N ALA C 49 -2.25 -14.99 -31.29
CA ALA C 49 -3.69 -14.82 -31.40
C ALA C 49 -4.08 -13.43 -31.86
N LYS C 50 -3.14 -12.48 -31.71
CA LYS C 50 -3.36 -11.08 -32.06
C LYS C 50 -3.31 -10.77 -33.56
N SER C 51 -2.97 -9.53 -33.86
CA SER C 51 -2.84 -9.00 -35.22
C SER C 51 -2.41 -7.54 -35.09
N MSE C 63 -7.16 -10.20 -23.70
CA MSE C 63 -7.21 -9.70 -22.30
C MSE C 63 -8.61 -9.30 -21.86
O MSE C 63 -9.30 -8.50 -22.49
CB MSE C 63 -6.23 -8.56 -22.10
CG MSE C 63 -6.30 -7.49 -23.15
SE MSE C 63 -4.89 -6.43 -22.94
CE MSE C 63 -3.62 -7.32 -23.94
H MSE C 63 -7.52 -9.46 -24.33
N THR C 64 -9.03 -9.92 -20.76
CA THR C 64 -10.34 -9.70 -20.19
C THR C 64 -10.28 -8.88 -18.90
N GLU C 65 -11.18 -7.90 -18.80
CA GLU C 65 -11.25 -7.01 -17.64
C GLU C 65 -11.48 -7.78 -16.32
N VAL C 66 -10.62 -7.57 -15.33
CA VAL C 66 -10.79 -8.22 -14.03
C VAL C 66 -10.51 -7.27 -12.86
N ASP C 67 -10.87 -7.71 -11.66
CA ASP C 67 -10.66 -6.94 -10.44
C ASP C 67 -9.95 -7.91 -9.48
N LEU C 68 -8.75 -7.53 -9.02
CA LEU C 68 -8.01 -8.37 -8.09
C LEU C 68 -8.27 -7.93 -6.66
N PHE C 69 -9.04 -8.74 -5.93
CA PHE C 69 -9.36 -8.48 -4.52
C PHE C 69 -8.22 -9.07 -3.64
N ILE C 70 -7.57 -8.19 -2.88
CA ILE C 70 -6.41 -8.58 -2.05
C ILE C 70 -6.60 -8.49 -0.54
N LEU C 71 -6.24 -9.55 0.16
CA LEU C 71 -6.32 -9.55 1.61
C LEU C 71 -5.32 -10.53 2.20
N THR C 72 -5.32 -10.62 3.53
CA THR C 72 -4.43 -11.50 4.26
C THR C 72 -4.97 -12.95 4.25
N GLN C 73 -6.22 -13.09 3.83
CA GLN C 73 -6.90 -14.37 3.78
C GLN C 73 -6.76 -15.08 2.44
N ARG C 74 -6.80 -14.32 1.35
CA ARG C 74 -6.69 -14.89 0.01
C ARG C 74 -6.48 -13.82 -1.08
N ILE C 75 -6.58 -14.25 -2.34
CA ILE C 75 -6.49 -13.35 -3.49
C ILE C 75 -7.57 -13.87 -4.44
N LYS C 76 -8.55 -13.01 -4.76
CA LYS C 76 -9.64 -13.36 -5.67
C LYS C 76 -9.63 -12.52 -6.93
N VAL C 77 -9.91 -13.17 -8.05
CA VAL C 77 -9.96 -12.52 -9.35
C VAL C 77 -11.41 -12.52 -9.81
N LEU C 78 -12.04 -11.36 -9.78
CA LEU C 78 -13.44 -11.24 -10.22
C LEU C 78 -13.55 -10.59 -11.60
N ASN C 79 -14.54 -11.03 -12.35
CA ASN C 79 -14.80 -10.50 -13.67
C ASN C 79 -15.21 -9.04 -13.44
N ALA C 80 -14.48 -8.10 -14.04
CA ALA C 80 -14.77 -6.68 -13.86
C ALA C 80 -16.20 -6.27 -14.24
N ASP C 81 -16.90 -7.16 -14.91
CA ASP C 81 -18.27 -6.89 -15.31
C ASP C 81 -19.25 -7.66 -14.46
N THR C 82 -19.19 -8.99 -14.51
CA THR C 82 -20.12 -9.80 -13.74
C THR C 82 -19.79 -9.83 -12.24
N GLN C 83 -18.57 -9.44 -11.90
CA GLN C 83 -18.10 -9.45 -10.52
C GLN C 83 -18.10 -10.89 -9.99
N GLU C 84 -18.16 -11.83 -10.94
CA GLU C 84 -18.17 -13.25 -10.67
C GLU C 84 -16.75 -13.72 -10.37
N THR C 85 -16.64 -14.69 -9.47
CA THR C 85 -15.35 -15.24 -9.06
C THR C 85 -14.69 -16.10 -10.14
N MSE C 86 -13.54 -15.64 -10.62
CA MSE C 86 -12.75 -16.36 -11.62
C MSE C 86 -11.75 -17.26 -10.94
O MSE C 86 -11.62 -18.43 -11.29
CB MSE C 86 -11.96 -15.41 -12.49
CG MSE C 86 -12.64 -14.99 -13.76
SE MSE C 86 -11.46 -14.19 -14.86
CE MSE C 86 -12.49 -12.83 -15.48
H MSE C 86 -13.24 -14.79 -10.29
N MSE C 87 -10.97 -16.67 -10.04
CA MSE C 87 -9.93 -17.36 -9.24
C MSE C 87 -10.10 -17.01 -7.76
O MSE C 87 -10.61 -15.95 -7.40
CB MSE C 87 -8.52 -16.93 -9.71
CG MSE C 87 -8.05 -17.46 -11.11
SE MSE C 87 -8.24 -16.39 -12.59
CE MSE C 87 -6.59 -15.71 -12.71
H MSE C 87 -11.13 -15.72 -9.84
N ASP C 88 -9.71 -17.93 -6.89
CA ASP C 88 -9.78 -17.70 -5.44
C ASP C 88 -8.70 -18.53 -4.81
N HIS C 89 -7.61 -17.87 -4.44
CA HIS C 89 -6.51 -18.58 -3.84
C HIS C 89 -6.26 -18.20 -2.40
N PRO C 90 -6.30 -19.19 -1.49
CA PRO C 90 -6.03 -18.86 -0.10
C PRO C 90 -4.54 -18.48 -0.13
N LEU C 91 -4.15 -17.36 0.46
CA LEU C 91 -2.76 -16.91 0.42
C LEU C 91 -1.68 -17.96 0.64
N ARG C 92 -1.91 -18.89 1.57
CA ARG C 92 -0.93 -19.95 1.87
C ARG C 92 -0.64 -20.85 0.69
N THR C 93 -1.51 -20.87 -0.30
CA THR C 93 -1.27 -21.70 -1.49
C THR C 93 -0.51 -20.86 -2.52
N ILE C 94 -0.35 -19.57 -2.23
CA ILE C 94 0.37 -18.64 -3.10
C ILE C 94 1.80 -18.49 -2.63
N SER C 95 2.72 -18.82 -3.53
CA SER C 95 4.13 -18.77 -3.25
C SER C 95 4.84 -17.47 -3.63
N TYR C 96 4.83 -17.16 -4.91
CA TYR C 96 5.54 -15.99 -5.41
C TYR C 96 4.70 -15.02 -6.23
N ILE C 97 5.08 -13.74 -6.13
CA ILE C 97 4.42 -12.69 -6.85
C ILE C 97 5.51 -11.76 -7.40
N ALA C 98 5.38 -11.37 -8.66
CA ALA C 98 6.37 -10.51 -9.27
C ALA C 98 5.80 -9.55 -10.30
N ASP C 99 6.23 -8.30 -10.22
CA ASP C 99 5.81 -7.30 -11.18
C ASP C 99 7.04 -7.04 -12.04
N ILE C 100 6.83 -7.22 -13.34
CA ILE C 100 7.87 -7.03 -14.32
C ILE C 100 7.36 -5.95 -15.27
N GLY C 101 7.79 -4.73 -14.98
CA GLY C 101 7.40 -3.60 -15.79
C GLY C 101 5.92 -3.33 -15.65
N ASN C 102 5.10 -4.05 -16.39
CA ASN C 102 3.65 -3.84 -16.36
C ASN C 102 2.80 -5.12 -16.30
N ILE C 103 3.44 -6.23 -15.98
CA ILE C 103 2.74 -7.50 -15.88
C ILE C 103 2.86 -8.00 -14.44
N VAL C 104 1.86 -8.73 -13.96
CA VAL C 104 1.92 -9.30 -12.61
C VAL C 104 1.85 -10.83 -12.75
N VAL C 105 2.79 -11.51 -12.11
CA VAL C 105 2.82 -12.94 -12.17
C VAL C 105 2.53 -13.49 -10.79
N LEU C 106 1.44 -14.22 -10.67
CA LEU C 106 1.03 -14.81 -9.41
C LEU C 106 1.28 -16.30 -9.53
N MSE C 107 2.10 -16.85 -8.64
CA MSE C 107 2.37 -18.27 -8.66
C MSE C 107 1.74 -18.95 -7.47
O MSE C 107 2.13 -18.69 -6.33
CB MSE C 107 3.87 -18.54 -8.68
CG MSE C 107 4.46 -18.51 -10.07
SE MSE C 107 6.27 -18.64 -10.14
CE MSE C 107 6.66 -16.94 -10.65
H MSE C 107 2.49 -16.29 -7.96
N ALA C 108 0.75 -19.81 -7.76
CA ALA C 108 -0.01 -20.59 -6.77
C ALA C 108 0.13 -22.09 -7.05
N ARG C 109 -0.17 -22.93 -6.07
CA ARG C 109 -0.04 -24.37 -6.25
C ARG C 109 -1.27 -25.12 -6.81
N TYR C 134 -1.03 -27.76 -13.06
CA TYR C 134 -0.22 -29.01 -13.23
C TYR C 134 0.37 -29.44 -11.89
N LYS C 135 0.60 -28.47 -11.02
CA LYS C 135 1.12 -28.68 -9.67
C LYS C 135 1.16 -27.23 -9.17
N MSE C 136 1.83 -26.39 -9.94
CA MSE C 136 1.96 -24.96 -9.68
C MSE C 136 1.24 -24.32 -10.85
O MSE C 136 1.11 -24.94 -11.90
CB MSE C 136 3.44 -24.56 -9.75
CG MSE C 136 4.22 -24.65 -8.44
SE MSE C 136 4.01 -23.14 -7.47
CE MSE C 136 4.22 -21.88 -8.76
H MSE C 136 2.33 -26.73 -10.73
N ILE C 137 0.74 -23.09 -10.68
CA ILE C 137 0.05 -22.36 -11.76
C ILE C 137 0.47 -20.89 -11.74
N CYS C 138 0.84 -20.40 -12.90
CA CYS C 138 1.31 -19.02 -13.01
C CYS C 138 0.28 -18.16 -13.71
N HIS C 139 -0.29 -17.20 -13.00
CA HIS C 139 -1.28 -16.29 -13.59
C HIS C 139 -0.60 -15.02 -14.05
N VAL C 140 -0.82 -14.65 -15.31
CA VAL C 140 -0.21 -13.46 -15.86
C VAL C 140 -1.28 -12.42 -16.14
N PHE C 141 -1.17 -11.30 -15.44
CA PHE C 141 -2.10 -10.19 -15.58
C PHE C 141 -1.32 -8.95 -16.04
N GLU C 142 -2.01 -8.00 -16.65
CA GLU C 142 -1.37 -6.79 -17.10
C GLU C 142 -2.09 -5.63 -16.44
N SER C 143 -1.33 -4.70 -15.86
CA SER C 143 -1.93 -3.56 -15.18
C SER C 143 -1.07 -2.32 -15.12
N GLU C 144 -1.79 -1.23 -14.88
CA GLU C 144 -1.26 0.12 -14.74
C GLU C 144 -0.68 0.22 -13.33
N ASP C 145 -1.33 -0.46 -12.39
CA ASP C 145 -0.91 -0.46 -11.00
C ASP C 145 -0.20 -1.78 -10.67
N ALA C 146 0.47 -2.35 -11.68
CA ALA C 146 1.18 -3.62 -11.55
C ALA C 146 2.19 -3.69 -10.41
N GLN C 147 2.80 -2.57 -10.05
CA GLN C 147 3.75 -2.55 -8.95
C GLN C 147 3.03 -2.48 -7.61
N LEU C 148 1.95 -1.72 -7.58
CA LEU C 148 1.15 -1.55 -6.36
C LEU C 148 0.37 -2.83 -6.03
N ILE C 149 0.04 -3.62 -7.05
CA ILE C 149 -0.66 -4.88 -6.86
C ILE C 149 0.32 -5.88 -6.24
N ALA C 150 1.53 -5.93 -6.77
CA ALA C 150 2.58 -6.82 -6.25
C ALA C 150 2.96 -6.37 -4.82
N GLN C 151 3.25 -5.07 -4.66
CA GLN C 151 3.60 -4.51 -3.35
C GLN C 151 2.51 -4.89 -2.36
N SER C 152 1.24 -4.68 -2.74
CA SER C 152 0.08 -5.00 -1.89
C SER C 152 0.01 -6.48 -1.55
N ILE C 153 0.23 -7.35 -2.53
CA ILE C 153 0.18 -8.76 -2.27
C ILE C 153 1.35 -9.21 -1.40
N GLY C 154 2.50 -8.59 -1.57
CA GLY C 154 3.65 -8.93 -0.73
C GLY C 154 3.38 -8.48 0.71
N GLN C 155 2.75 -7.33 0.87
CA GLN C 155 2.42 -6.82 2.20
C GLN C 155 1.46 -7.79 2.81
N ALA C 156 0.47 -8.22 2.03
CA ALA C 156 -0.51 -9.18 2.51
C ALA C 156 0.26 -10.40 3.04
N PHE C 157 1.27 -10.85 2.27
CA PHE C 157 2.10 -11.96 2.68
C PHE C 157 2.64 -11.69 4.08
N SER C 158 3.35 -10.57 4.25
CA SER C 158 3.95 -10.20 5.53
C SER C 158 3.02 -10.26 6.74
N VAL C 159 1.84 -9.66 6.59
CA VAL C 159 0.87 -9.64 7.66
C VAL C 159 0.36 -11.06 7.95
N ALA C 160 -0.05 -11.77 6.89
CA ALA C 160 -0.55 -13.13 7.00
C ALA C 160 0.47 -14.03 7.69
N TYR C 161 1.74 -13.80 7.41
CA TYR C 161 2.81 -14.57 8.01
C TYR C 161 2.94 -14.24 9.51
N GLN C 162 2.79 -12.95 9.87
CA GLN C 162 2.86 -12.52 11.28
C GLN C 162 1.73 -13.20 12.04
N GLU C 163 0.55 -13.22 11.44
CA GLU C 163 -0.58 -13.89 12.06
C GLU C 163 -0.29 -15.40 12.18
N PHE C 164 0.24 -16.00 11.12
CA PHE C 164 0.57 -17.43 11.15
C PHE C 164 1.54 -17.71 12.30
N LEU C 165 2.58 -16.90 12.41
CA LEU C 165 3.57 -17.07 13.48
C LEU C 165 2.84 -16.94 14.82
N ARG C 166 2.09 -15.85 14.98
CA ARG C 166 1.35 -15.59 16.20
C ARG C 166 0.56 -16.81 16.67
N ALA C 167 -0.22 -17.38 15.78
CA ALA C 167 -1.03 -18.54 16.13
C ALA C 167 -0.24 -19.74 16.60
N ASN C 168 1.02 -19.83 16.20
CA ASN C 168 1.86 -20.96 16.59
C ASN C 168 2.63 -20.77 17.91
N GLY C 169 2.27 -19.74 18.67
CA GLY C 169 2.95 -19.48 19.92
C GLY C 169 4.25 -18.72 19.74
N ILE C 170 4.56 -18.35 18.50
CA ILE C 170 5.78 -17.59 18.19
C ILE C 170 5.35 -16.14 18.15
N ASN C 171 6.13 -15.27 18.77
CA ASN C 171 5.77 -13.87 18.85
C ASN C 171 6.26 -12.96 17.75
N PRO C 172 5.35 -12.48 16.89
CA PRO C 172 5.64 -11.60 15.77
C PRO C 172 5.06 -10.20 16.04
N GLN D 1 12.36 -7.93 -12.58
CA GLN D 1 12.42 -6.60 -11.92
C GLN D 1 12.04 -6.67 -10.41
N ASN D 2 10.77 -6.88 -10.08
CA ASN D 2 10.37 -6.98 -8.68
C ASN D 2 9.70 -8.32 -8.40
N GLY D 3 10.17 -9.00 -7.35
CA GLY D 3 9.61 -10.30 -6.98
C GLY D 3 9.49 -10.46 -5.47
N TYR D 4 8.47 -11.19 -5.02
CA TYR D 4 8.22 -11.39 -3.57
C TYR D 4 7.76 -12.80 -3.25
N GLU D 5 8.37 -13.38 -2.24
CA GLU D 5 8.05 -14.74 -1.81
C GLU D 5 7.15 -14.75 -0.57
N ASN D 6 6.36 -15.80 -0.43
CA ASN D 6 5.45 -15.93 0.70
C ASN D 6 6.04 -16.87 1.74
N PRO D 7 6.66 -16.30 2.79
CA PRO D 7 7.26 -17.11 3.84
C PRO D 7 6.34 -18.15 4.48
N THR D 8 5.04 -17.98 4.32
CA THR D 8 4.08 -18.90 4.91
C THR D 8 3.86 -20.15 4.06
N TYR D 9 4.03 -20.03 2.75
CA TYR D 9 3.85 -21.13 1.82
C TYR D 9 4.58 -22.44 2.18
N LYS D 10 5.84 -22.33 2.62
CA LYS D 10 6.67 -23.48 3.01
C LYS D 10 5.89 -24.42 3.90
N PHE D 11 5.32 -23.82 4.94
CA PHE D 11 4.56 -24.51 5.98
C PHE D 11 3.37 -25.39 5.62
N PHE D 12 2.80 -25.18 4.45
CA PHE D 12 1.66 -25.97 4.02
C PHE D 12 1.99 -26.68 2.71
N GLU D 13 3.17 -26.39 2.18
CA GLU D 13 3.68 -26.99 0.95
C GLU D 13 4.06 -28.46 1.21
#